data_9AX9
#
_entry.id   9AX9
#
_cell.length_a   39.784
_cell.length_b   103.343
_cell.length_c   43.213
_cell.angle_alpha   90.000
_cell.angle_beta   110.800
_cell.angle_gamma   90.000
#
_symmetry.space_group_name_H-M   'P 1 21 1'
#
loop_
_entity.id
_entity.type
_entity.pdbx_description
1 polymer 'Protease 3C'
2 polymer '3B3C peptide'
3 water water
#
loop_
_entity_poly.entity_id
_entity_poly.type
_entity_poly.pdbx_seq_one_letter_code
_entity_poly.pdbx_strand_id
1 'polypeptide(L)'
;SGPGFDFAQAIMKKNTVIARTEKGEFTMLGVYDRVAVIPTHASVGETIYINDVETKVLDACALRDLTDTNLEITIVRLDR
NQKFRDIRHFLPRYEDDYNDAVLSVHTSKFPNMYIPVGQVTNYGFLNLGGTPTHRILMYNFPTRAGQAGGVVTTTGKVIG
IHVGGNGAQGFAAMLLHSYFSD
;
A,B
2 'polypeptide(L)' AKVQGP C
#
# COMPACT_ATOMS: atom_id res chain seq x y z
N SER A 1 -4.60 -6.84 -10.96
CA SER A 1 -4.30 -6.73 -12.39
C SER A 1 -3.72 -5.35 -12.72
N GLY A 2 -2.82 -5.32 -13.71
CA GLY A 2 -2.24 -4.07 -14.13
C GLY A 2 -3.21 -2.96 -14.45
N PRO A 3 -4.30 -3.25 -15.15
CA PRO A 3 -5.28 -2.18 -15.44
C PRO A 3 -5.72 -1.43 -14.19
N GLY A 4 -6.10 -2.16 -13.13
CA GLY A 4 -6.53 -1.50 -11.91
C GLY A 4 -5.43 -0.63 -11.30
N PHE A 5 -4.23 -1.20 -11.17
CA PHE A 5 -3.11 -0.43 -10.64
C PHE A 5 -2.78 0.76 -11.52
N ASP A 6 -2.81 0.56 -12.85
CA ASP A 6 -2.53 1.66 -13.76
C ASP A 6 -3.59 2.75 -13.65
N PHE A 7 -4.87 2.36 -13.56
CA PHE A 7 -5.94 3.34 -13.42
C PHE A 7 -5.77 4.14 -12.13
N ALA A 8 -5.51 3.46 -11.01
CA ALA A 8 -5.29 4.15 -9.75
C ALA A 8 -4.14 5.14 -9.88
N GLN A 9 -3.03 4.71 -10.47
CA GLN A 9 -1.89 5.61 -10.65
C GLN A 9 -2.27 6.83 -11.46
N ALA A 10 -3.04 6.64 -12.53
CA ALA A 10 -3.46 7.78 -13.34
C ALA A 10 -4.32 8.74 -12.53
N ILE A 11 -5.27 8.21 -11.76
CA ILE A 11 -6.12 9.06 -10.94
C ILE A 11 -5.29 9.88 -9.95
N MET A 12 -4.31 9.23 -9.32
CA MET A 12 -3.49 9.92 -8.32
C MET A 12 -2.62 10.99 -8.97
N LYS A 13 -2.08 10.71 -10.16
CA LYS A 13 -1.16 11.65 -10.78
C LYS A 13 -1.87 12.89 -11.29
N LYS A 14 -3.09 12.74 -11.82
CA LYS A 14 -3.77 13.83 -12.49
C LYS A 14 -4.88 14.46 -11.67
N ASN A 15 -5.43 13.75 -10.67
CA ASN A 15 -6.64 14.22 -10.00
C ASN A 15 -6.52 14.15 -8.48
N THR A 16 -5.31 14.31 -7.94
CA THR A 16 -5.15 14.38 -6.50
C THR A 16 -4.12 15.43 -6.12
N VAL A 17 -4.39 16.11 -5.00
CA VAL A 17 -3.45 17.04 -4.39
C VAL A 17 -3.39 16.71 -2.90
N ILE A 18 -2.37 17.24 -2.24
CA ILE A 18 -2.23 17.12 -0.80
C ILE A 18 -2.89 18.34 -0.17
N ALA A 19 -4.06 18.14 0.43
CA ALA A 19 -4.78 19.21 1.12
C ALA A 19 -4.45 19.17 2.60
N ARG A 20 -4.11 20.33 3.15
CA ARG A 20 -3.81 20.47 4.57
C ARG A 20 -4.77 21.49 5.17
N THR A 21 -5.53 21.05 6.17
CA THR A 21 -6.42 21.91 6.93
C THR A 21 -5.87 22.03 8.35
N GLU A 22 -6.67 22.64 9.24
CA GLU A 22 -6.29 22.70 10.65
C GLU A 22 -6.13 21.32 11.26
N LYS A 23 -6.69 20.28 10.65
CA LYS A 23 -6.65 18.93 11.20
C LYS A 23 -5.46 18.12 10.72
N GLY A 24 -4.81 18.52 9.62
CA GLY A 24 -3.65 17.82 9.12
C GLY A 24 -3.75 17.66 7.61
N GLU A 25 -2.93 16.74 7.08
CA GLU A 25 -2.85 16.50 5.65
C GLU A 25 -3.86 15.43 5.25
N PHE A 26 -4.57 15.68 4.15
CA PHE A 26 -5.52 14.74 3.60
C PHE A 26 -5.23 14.53 2.12
N THR A 27 -5.50 13.32 1.64
CA THR A 27 -5.56 13.09 0.20
C THR A 27 -6.84 13.73 -0.33
N MET A 28 -6.70 14.61 -1.33
CA MET A 28 -7.84 15.32 -1.90
C MET A 28 -7.99 14.94 -3.36
N LEU A 29 -9.20 14.54 -3.74
CA LEU A 29 -9.49 14.14 -5.11
C LEU A 29 -10.10 15.31 -5.87
N GLY A 30 -9.50 15.65 -7.00
CA GLY A 30 -10.06 16.64 -7.90
C GLY A 30 -11.00 15.98 -8.89
N VAL A 31 -12.19 16.55 -9.04
CA VAL A 31 -13.24 15.96 -9.85
C VAL A 31 -13.36 16.65 -11.21
N TYR A 32 -13.47 17.97 -11.21
CA TYR A 32 -13.60 18.72 -12.46
C TYR A 32 -13.42 20.20 -12.14
N ASP A 33 -13.03 20.96 -13.17
CA ASP A 33 -12.83 22.39 -13.02
C ASP A 33 -11.97 22.69 -11.79
N ARG A 34 -12.47 23.49 -10.86
CA ARG A 34 -11.81 23.76 -9.60
C ARG A 34 -12.55 23.13 -8.43
N VAL A 35 -13.23 22.01 -8.69
CA VAL A 35 -14.02 21.31 -7.68
C VAL A 35 -13.26 20.08 -7.21
N ALA A 36 -13.23 19.86 -5.90
CA ALA A 36 -12.59 18.70 -5.32
C ALA A 36 -13.38 18.27 -4.10
N VAL A 37 -13.01 17.12 -3.54
CA VAL A 37 -13.70 16.55 -2.40
C VAL A 37 -12.69 16.21 -1.32
N ILE A 38 -13.18 16.18 -0.07
CA ILE A 38 -12.36 15.87 1.10
C ILE A 38 -13.31 15.39 2.19
N PRO A 39 -12.91 14.47 3.06
CA PRO A 39 -13.82 14.04 4.14
C PRO A 39 -14.23 15.21 5.01
N THR A 40 -15.52 15.25 5.35
CA THR A 40 -16.07 16.40 6.07
C THR A 40 -15.36 16.62 7.40
N HIS A 41 -14.88 15.56 8.05
CA HIS A 41 -14.22 15.72 9.33
C HIS A 41 -12.85 16.40 9.21
N ALA A 42 -12.44 16.80 8.00
CA ALA A 42 -11.22 17.58 7.85
C ALA A 42 -11.40 19.04 8.24
N SER A 43 -12.64 19.51 8.38
CA SER A 43 -12.94 20.85 8.85
C SER A 43 -12.34 21.92 7.94
N VAL A 44 -12.78 21.90 6.68
CA VAL A 44 -12.33 22.89 5.71
C VAL A 44 -12.71 24.28 6.18
N GLY A 45 -11.79 25.22 6.01
CA GLY A 45 -12.00 26.60 6.41
C GLY A 45 -11.98 27.54 5.23
N GLU A 46 -11.81 28.83 5.52
CA GLU A 46 -11.78 29.84 4.47
C GLU A 46 -10.55 29.67 3.58
N THR A 47 -9.47 29.12 4.12
CA THR A 47 -8.27 28.84 3.35
C THR A 47 -7.85 27.40 3.57
N ILE A 48 -7.17 26.84 2.57
CA ILE A 48 -6.67 25.47 2.63
C ILE A 48 -5.40 25.40 1.82
N TYR A 49 -4.41 24.67 2.35
CA TYR A 49 -3.14 24.51 1.66
C TYR A 49 -3.27 23.38 0.64
N ILE A 50 -3.01 23.70 -0.62
CA ILE A 50 -3.04 22.73 -1.71
C ILE A 50 -1.59 22.53 -2.14
N ASN A 51 -1.01 21.39 -1.75
CA ASN A 51 0.40 21.11 -1.99
C ASN A 51 1.26 22.26 -1.45
N ASP A 52 1.01 22.62 -0.18
CA ASP A 52 1.76 23.63 0.56
C ASP A 52 1.59 25.04 -0.02
N VAL A 53 0.53 25.27 -0.78
CA VAL A 53 0.22 26.59 -1.32
C VAL A 53 -1.12 27.02 -0.74
N GLU A 54 -1.13 28.09 0.04
CA GLU A 54 -2.36 28.59 0.60
C GLU A 54 -3.33 28.96 -0.52
N THR A 55 -4.50 28.33 -0.51
CA THR A 55 -5.50 28.52 -1.55
C THR A 55 -6.82 28.93 -0.91
N LYS A 56 -7.44 29.97 -1.45
CA LYS A 56 -8.72 30.44 -0.93
C LYS A 56 -9.82 29.45 -1.30
N VAL A 57 -10.71 29.18 -0.34
CA VAL A 57 -11.85 28.30 -0.54
C VAL A 57 -12.99 29.16 -1.05
N LEU A 58 -13.23 29.12 -2.37
CA LEU A 58 -14.30 29.93 -2.95
C LEU A 58 -15.67 29.49 -2.42
N ASP A 59 -15.83 28.21 -2.11
CA ASP A 59 -17.09 27.70 -1.57
C ASP A 59 -16.88 26.29 -1.07
N ALA A 60 -17.69 25.90 -0.09
CA ALA A 60 -17.63 24.56 0.50
C ALA A 60 -19.05 24.10 0.82
N CYS A 61 -19.29 22.81 0.65
N CYS A 61 -19.29 22.81 0.65
CA CYS A 61 -20.61 22.22 0.87
CA CYS A 61 -20.61 22.23 0.89
C CYS A 61 -20.43 20.86 1.51
C CYS A 61 -20.43 20.86 1.51
N ALA A 62 -20.84 20.72 2.77
CA ALA A 62 -20.79 19.44 3.46
C ALA A 62 -22.05 18.65 3.10
N LEU A 63 -21.88 17.58 2.32
CA LEU A 63 -23.02 16.89 1.74
C LEU A 63 -23.82 16.14 2.80
N ARG A 64 -25.14 16.25 2.70
CA ARG A 64 -26.07 15.46 3.49
C ARG A 64 -27.19 14.98 2.57
N ASP A 65 -27.78 13.83 2.91
CA ASP A 65 -28.75 13.20 2.04
C ASP A 65 -30.17 13.66 2.39
N LEU A 66 -31.15 13.09 1.69
CA LEU A 66 -32.53 13.54 1.85
C LEU A 66 -33.01 13.44 3.29
N THR A 67 -32.44 12.53 4.08
CA THR A 67 -32.80 12.38 5.48
C THR A 67 -32.04 13.34 6.38
N ASP A 68 -31.27 14.27 5.82
CA ASP A 68 -30.47 15.21 6.59
C ASP A 68 -29.39 14.48 7.39
N THR A 69 -28.90 13.37 6.87
CA THR A 69 -27.86 12.58 7.52
C THR A 69 -26.52 12.84 6.86
N ASN A 70 -25.48 12.92 7.69
CA ASN A 70 -24.14 13.17 7.18
C ASN A 70 -23.76 12.15 6.11
N LEU A 71 -23.11 12.63 5.05
CA LEU A 71 -22.52 11.77 4.03
C LEU A 71 -21.00 11.78 4.07
N GLU A 72 -20.39 12.61 4.92
CA GLU A 72 -18.97 12.67 5.16
C GLU A 72 -18.18 13.15 3.95
N ILE A 73 -18.84 13.65 2.92
CA ILE A 73 -18.18 14.22 1.74
C ILE A 73 -18.40 15.73 1.76
N THR A 74 -17.30 16.47 1.63
CA THR A 74 -17.36 17.93 1.50
C THR A 74 -16.81 18.31 0.14
N ILE A 75 -17.64 18.95 -0.67
CA ILE A 75 -17.24 19.46 -1.98
C ILE A 75 -16.69 20.86 -1.79
N VAL A 76 -15.55 21.14 -2.41
CA VAL A 76 -14.85 22.40 -2.23
C VAL A 76 -14.51 22.98 -3.60
N ARG A 77 -14.76 24.28 -3.76
CA ARG A 77 -14.36 25.02 -4.95
C ARG A 77 -13.11 25.83 -4.60
N LEU A 78 -12.03 25.62 -5.35
CA LEU A 78 -10.73 26.17 -5.02
C LEU A 78 -10.37 27.33 -5.94
N ASP A 79 -9.72 28.35 -5.38
CA ASP A 79 -9.27 29.51 -6.14
C ASP A 79 -7.87 29.22 -6.68
N ARG A 80 -7.83 28.51 -7.81
CA ARG A 80 -6.59 28.11 -8.44
C ARG A 80 -6.65 28.44 -9.93
N ASN A 81 -5.50 28.36 -10.58
CA ASN A 81 -5.42 28.53 -12.02
C ASN A 81 -5.46 27.20 -12.77
N GLN A 82 -4.94 26.13 -12.18
CA GLN A 82 -5.02 24.82 -12.78
C GLN A 82 -6.45 24.29 -12.70
N LYS A 83 -6.84 23.52 -13.71
CA LYS A 83 -8.17 22.94 -13.80
C LYS A 83 -8.04 21.42 -13.75
N PHE A 84 -8.81 20.79 -12.86
CA PHE A 84 -8.77 19.34 -12.75
C PHE A 84 -9.31 18.70 -14.01
N ARG A 85 -8.63 17.64 -14.45
CA ARG A 85 -9.18 16.78 -15.49
C ARG A 85 -10.54 16.26 -15.07
N ASP A 86 -11.54 16.43 -15.94
CA ASP A 86 -12.90 15.99 -15.64
C ASP A 86 -12.95 14.48 -15.58
N ILE A 87 -13.20 13.93 -14.40
CA ILE A 87 -13.30 12.49 -14.20
C ILE A 87 -14.72 12.07 -13.82
N ARG A 88 -15.70 12.97 -13.94
CA ARG A 88 -17.06 12.64 -13.52
C ARG A 88 -17.62 11.45 -14.27
N HIS A 89 -17.11 11.14 -15.47
CA HIS A 89 -17.58 9.98 -16.20
C HIS A 89 -17.06 8.67 -15.63
N PHE A 90 -16.14 8.72 -14.66
CA PHE A 90 -15.72 7.53 -13.92
C PHE A 90 -16.52 7.31 -12.65
N LEU A 91 -17.42 8.22 -12.31
CA LEU A 91 -18.15 8.12 -11.05
C LEU A 91 -19.35 7.20 -11.23
N PRO A 92 -19.56 6.24 -10.33
CA PRO A 92 -20.78 5.42 -10.41
C PRO A 92 -22.03 6.29 -10.33
N ARG A 93 -23.11 5.81 -10.94
CA ARG A 93 -24.39 6.50 -10.90
C ARG A 93 -25.31 6.02 -9.79
N TYR A 94 -25.06 4.84 -9.24
CA TYR A 94 -25.89 4.30 -8.16
C TYR A 94 -25.01 3.51 -7.21
N GLU A 95 -25.62 3.07 -6.11
CA GLU A 95 -24.93 2.37 -5.04
C GLU A 95 -24.73 0.91 -5.42
N ASP A 96 -23.52 0.39 -5.20
CA ASP A 96 -23.20 -0.96 -5.68
C ASP A 96 -22.01 -1.52 -4.90
N ASP A 97 -21.85 -2.84 -5.02
CA ASP A 97 -20.66 -3.54 -4.56
C ASP A 97 -19.65 -3.65 -5.70
N TYR A 98 -18.38 -3.80 -5.32
CA TYR A 98 -17.30 -3.85 -6.30
C TYR A 98 -16.27 -4.90 -5.88
N ASN A 99 -15.48 -5.34 -6.86
CA ASN A 99 -14.42 -6.32 -6.64
C ASN A 99 -13.08 -5.73 -7.04
N ASP A 100 -12.02 -6.29 -6.46
CA ASP A 100 -10.64 -5.95 -6.82
C ASP A 100 -10.40 -4.44 -6.75
N ALA A 101 -10.87 -3.83 -5.67
CA ALA A 101 -10.69 -2.40 -5.47
C ALA A 101 -9.29 -2.09 -4.96
N VAL A 102 -8.86 -0.85 -5.21
CA VAL A 102 -7.57 -0.35 -4.74
C VAL A 102 -7.81 0.93 -3.95
N LEU A 103 -7.16 1.03 -2.80
CA LEU A 103 -7.14 2.26 -2.01
C LEU A 103 -5.77 2.92 -2.22
N SER A 104 -5.77 4.18 -2.65
CA SER A 104 -4.53 4.90 -2.94
C SER A 104 -4.50 6.18 -2.12
N VAL A 105 -3.39 6.39 -1.41
CA VAL A 105 -3.20 7.52 -0.51
C VAL A 105 -1.89 8.23 -0.89
N HIS A 106 -1.87 9.55 -0.69
CA HIS A 106 -0.64 10.31 -0.92
C HIS A 106 -0.62 11.48 0.06
N THR A 107 0.18 11.34 1.11
CA THR A 107 0.46 12.42 2.05
C THR A 107 1.93 12.33 2.43
N SER A 108 2.39 13.30 3.24
CA SER A 108 3.76 13.25 3.71
C SER A 108 4.00 12.03 4.59
N LYS A 109 2.95 11.55 5.27
CA LYS A 109 3.10 10.36 6.11
C LYS A 109 2.99 9.09 5.29
N PHE A 110 2.10 9.05 4.29
CA PHE A 110 1.87 7.88 3.44
C PHE A 110 2.09 8.28 1.99
N PRO A 111 3.34 8.45 1.58
CA PRO A 111 3.61 8.84 0.18
C PRO A 111 3.43 7.65 -0.76
N ASN A 112 2.64 7.86 -1.81
CA ASN A 112 2.48 6.89 -2.89
C ASN A 112 2.11 5.51 -2.37
N MET A 113 1.09 5.47 -1.52
CA MET A 113 0.58 4.21 -0.98
C MET A 113 -0.48 3.64 -1.91
N TYR A 114 -0.37 2.35 -2.22
CA TYR A 114 -1.35 1.64 -3.02
C TYR A 114 -1.67 0.32 -2.33
N ILE A 115 -2.96 0.12 -2.01
CA ILE A 115 -3.39 -1.02 -1.22
C ILE A 115 -4.47 -1.77 -1.99
N PRO A 116 -4.25 -3.02 -2.39
CA PRO A 116 -5.35 -3.82 -2.93
C PRO A 116 -6.27 -4.30 -1.81
N VAL A 117 -7.42 -3.63 -1.63
CA VAL A 117 -8.29 -3.93 -0.51
C VAL A 117 -9.31 -5.01 -0.82
N GLY A 118 -9.44 -5.43 -2.07
CA GLY A 118 -10.28 -6.55 -2.43
C GLY A 118 -11.74 -6.19 -2.62
N GLN A 119 -12.63 -7.04 -2.12
CA GLN A 119 -14.05 -6.84 -2.29
C GLN A 119 -14.53 -5.64 -1.47
N VAL A 120 -15.44 -4.86 -2.05
CA VAL A 120 -16.02 -3.69 -1.42
C VAL A 120 -17.53 -3.89 -1.39
N THR A 121 -18.15 -3.64 -0.23
CA THR A 121 -19.57 -3.87 -0.01
C THR A 121 -20.21 -2.61 0.55
N ASN A 122 -21.38 -2.25 0.01
CA ASN A 122 -22.04 -1.02 0.42
C ASN A 122 -23.06 -1.29 1.53
N TYR A 123 -23.09 -0.38 2.49
CA TYR A 123 -24.02 -0.41 3.60
C TYR A 123 -24.68 0.94 3.66
N GLY A 124 -25.97 0.95 4.00
CA GLY A 124 -26.68 2.21 4.08
C GLY A 124 -26.34 3.05 5.29
N PHE A 125 -25.68 2.47 6.29
CA PHE A 125 -25.52 3.11 7.58
C PHE A 125 -24.16 2.80 8.19
N LEU A 126 -23.58 3.79 8.85
CA LEU A 126 -22.39 3.59 9.66
C LEU A 126 -22.37 4.69 10.72
N ASN A 127 -22.13 4.29 11.96
CA ASN A 127 -21.94 5.25 13.05
C ASN A 127 -20.46 5.62 13.06
N LEU A 128 -20.13 6.74 12.40
CA LEU A 128 -18.74 7.16 12.23
C LEU A 128 -18.39 8.13 13.35
N GLY A 129 -17.62 7.64 14.33
CA GLY A 129 -17.20 8.45 15.45
C GLY A 129 -18.36 9.13 16.15
N GLY A 130 -19.51 8.45 16.20
CA GLY A 130 -20.70 9.00 16.80
C GLY A 130 -21.62 9.74 15.85
N THR A 131 -21.19 10.00 14.62
CA THR A 131 -22.00 10.75 13.66
C THR A 131 -22.69 9.77 12.71
N PRO A 132 -24.02 9.68 12.73
CA PRO A 132 -24.70 8.82 11.75
C PRO A 132 -24.35 9.23 10.33
N THR A 133 -23.92 8.26 9.54
CA THR A 133 -23.46 8.50 8.18
C THR A 133 -24.07 7.46 7.26
N HIS A 134 -24.37 7.86 6.03
CA HIS A 134 -25.04 7.00 5.06
C HIS A 134 -24.22 6.87 3.79
N ARG A 135 -24.56 5.87 2.98
CA ARG A 135 -23.91 5.57 1.71
C ARG A 135 -22.42 5.27 1.93
N ILE A 136 -22.19 4.16 2.63
CA ILE A 136 -20.85 3.76 3.05
C ILE A 136 -20.43 2.51 2.29
N LEU A 137 -19.13 2.40 2.04
CA LEU A 137 -18.51 1.21 1.47
C LEU A 137 -17.51 0.65 2.48
N MET A 138 -17.48 -0.67 2.60
CA MET A 138 -16.61 -1.35 3.55
C MET A 138 -15.66 -2.30 2.81
N TYR A 139 -14.43 -2.39 3.30
CA TYR A 139 -13.46 -3.33 2.78
C TYR A 139 -12.66 -3.90 3.95
N ASN A 140 -12.19 -5.13 3.78
CA ASN A 140 -11.51 -5.85 4.86
C ASN A 140 -10.01 -5.64 4.74
N PHE A 141 -9.56 -4.46 5.21
CA PHE A 141 -8.15 -4.15 5.28
C PHE A 141 -7.92 -3.26 6.50
N PRO A 142 -6.85 -3.47 7.26
CA PRO A 142 -6.61 -2.65 8.45
C PRO A 142 -6.05 -1.25 8.11
N THR A 143 -6.94 -0.40 7.60
CA THR A 143 -6.58 0.99 7.36
C THR A 143 -6.29 1.69 8.68
N ARG A 144 -5.53 2.78 8.61
CA ARG A 144 -5.06 3.48 9.80
C ARG A 144 -5.19 4.99 9.59
N ALA A 145 -5.06 5.72 10.69
CA ALA A 145 -5.16 7.17 10.66
C ALA A 145 -4.15 7.77 9.69
N GLY A 146 -4.56 8.85 9.03
CA GLY A 146 -3.77 9.49 8.01
C GLY A 146 -4.14 9.07 6.59
N GLN A 147 -5.05 8.12 6.43
CA GLN A 147 -5.46 7.64 5.12
C GLN A 147 -6.79 8.25 4.67
N ALA A 148 -7.41 9.08 5.50
CA ALA A 148 -8.66 9.73 5.12
C ALA A 148 -8.45 10.56 3.86
N GLY A 149 -9.45 10.52 2.98
CA GLY A 149 -9.35 11.14 1.68
C GLY A 149 -8.79 10.24 0.60
N GLY A 150 -8.14 9.15 0.96
CA GLY A 150 -7.62 8.19 0.01
C GLY A 150 -8.69 7.76 -0.99
N VAL A 151 -8.28 7.56 -2.24
CA VAL A 151 -9.22 7.31 -3.33
C VAL A 151 -9.42 5.80 -3.48
N VAL A 152 -10.67 5.38 -3.57
CA VAL A 152 -11.03 3.98 -3.80
C VAL A 152 -11.45 3.85 -5.25
N THR A 153 -10.79 2.96 -5.98
CA THR A 153 -11.03 2.81 -7.41
C THR A 153 -11.08 1.33 -7.79
N THR A 154 -11.82 1.04 -8.84
CA THR A 154 -11.64 -0.14 -9.68
C THR A 154 -11.28 0.34 -11.07
N THR A 155 -11.02 -0.60 -11.99
CA THR A 155 -10.68 -0.23 -13.35
C THR A 155 -11.80 0.61 -13.96
N GLY A 156 -11.53 1.89 -14.21
CA GLY A 156 -12.50 2.76 -14.83
C GLY A 156 -13.55 3.34 -13.92
N LYS A 157 -13.46 3.11 -12.61
CA LYS A 157 -14.46 3.62 -11.67
C LYS A 157 -13.76 4.24 -10.46
N VAL A 158 -14.11 5.48 -10.16
CA VAL A 158 -13.70 6.16 -8.93
C VAL A 158 -14.93 6.13 -8.03
N ILE A 159 -14.92 5.27 -7.02
CA ILE A 159 -16.14 4.91 -6.32
C ILE A 159 -16.28 5.52 -4.92
N GLY A 160 -15.20 6.01 -4.32
CA GLY A 160 -15.34 6.58 -3.00
C GLY A 160 -14.03 7.14 -2.48
N ILE A 161 -14.12 7.74 -1.30
CA ILE A 161 -12.95 8.26 -0.59
C ILE A 161 -12.96 7.72 0.84
N HIS A 162 -11.78 7.35 1.32
CA HIS A 162 -11.66 6.74 2.65
C HIS A 162 -12.01 7.76 3.73
N VAL A 163 -12.75 7.29 4.74
CA VAL A 163 -13.17 8.17 5.84
C VAL A 163 -12.90 7.60 7.22
N GLY A 164 -12.78 6.29 7.39
CA GLY A 164 -12.57 5.76 8.73
C GLY A 164 -12.29 4.28 8.71
N GLY A 165 -12.13 3.73 9.93
CA GLY A 165 -11.86 2.32 10.11
C GLY A 165 -12.13 1.91 11.54
N ASN A 166 -12.06 0.59 11.77
CA ASN A 166 -12.27 0.03 13.10
C ASN A 166 -11.11 -0.83 13.57
N GLY A 167 -9.98 -0.78 12.88
CA GLY A 167 -8.83 -1.60 13.23
C GLY A 167 -8.62 -2.75 12.28
N ALA A 168 -9.72 -3.41 11.88
CA ALA A 168 -9.66 -4.52 10.94
C ALA A 168 -10.25 -4.20 9.58
N GLN A 169 -11.16 -3.23 9.49
CA GLN A 169 -11.84 -2.90 8.26
C GLN A 169 -11.75 -1.40 8.00
N GLY A 170 -11.90 -1.04 6.72
CA GLY A 170 -11.91 0.35 6.32
C GLY A 170 -13.24 0.76 5.73
N PHE A 171 -13.56 2.05 5.78
CA PHE A 171 -14.84 2.56 5.34
C PHE A 171 -14.63 3.81 4.48
N ALA A 172 -15.35 3.87 3.37
CA ALA A 172 -15.27 5.00 2.44
C ALA A 172 -16.65 5.60 2.23
N ALA A 173 -16.68 6.92 2.07
CA ALA A 173 -17.88 7.60 1.61
C ALA A 173 -18.01 7.45 0.11
N MET A 174 -19.22 7.21 -0.36
CA MET A 174 -19.43 6.87 -1.76
C MET A 174 -19.50 8.12 -2.63
N LEU A 175 -18.88 8.03 -3.80
CA LEU A 175 -18.95 9.08 -4.80
C LEU A 175 -19.99 8.70 -5.84
N LEU A 176 -20.90 9.62 -6.13
CA LEU A 176 -21.97 9.41 -7.09
C LEU A 176 -21.96 10.53 -8.11
N HIS A 177 -22.25 10.17 -9.37
CA HIS A 177 -22.24 11.16 -10.45
C HIS A 177 -23.19 12.31 -10.16
N SER A 178 -24.34 12.01 -9.53
CA SER A 178 -25.34 13.05 -9.29
C SER A 178 -24.85 14.13 -8.34
N TYR A 179 -23.78 13.87 -7.58
CA TYR A 179 -23.24 14.89 -6.69
C TYR A 179 -22.62 16.05 -7.47
N PHE A 180 -22.19 15.82 -8.70
CA PHE A 180 -21.48 16.82 -9.49
C PHE A 180 -22.18 17.06 -10.83
N SER A 181 -23.50 16.95 -10.85
CA SER A 181 -24.28 17.15 -12.07
C SER A 181 -24.14 18.58 -12.58
N GLY B 2 7.47 10.21 -6.19
CA GLY B 2 8.33 10.16 -5.02
C GLY B 2 9.58 9.33 -5.24
N PRO B 3 10.59 9.51 -4.39
CA PRO B 3 11.84 8.77 -4.59
C PRO B 3 11.73 7.30 -4.19
N GLY B 4 11.07 7.01 -3.07
CA GLY B 4 10.95 5.63 -2.64
C GLY B 4 10.08 4.80 -3.58
N PHE B 5 8.94 5.35 -4.00
CA PHE B 5 8.01 4.56 -4.81
C PHE B 5 8.60 4.23 -6.17
N ASP B 6 9.24 5.19 -6.83
CA ASP B 6 9.81 4.93 -8.14
C ASP B 6 10.84 3.82 -8.09
N PHE B 7 11.69 3.83 -7.06
CA PHE B 7 12.70 2.78 -6.91
C PHE B 7 12.04 1.44 -6.60
N ALA B 8 11.11 1.44 -5.64
CA ALA B 8 10.43 0.20 -5.29
C ALA B 8 9.76 -0.44 -6.50
N GLN B 9 9.08 0.37 -7.31
CA GLN B 9 8.38 -0.18 -8.47
C GLN B 9 9.35 -0.73 -9.51
N ALA B 10 10.53 -0.11 -9.65
CA ALA B 10 11.53 -0.63 -10.57
C ALA B 10 12.05 -1.98 -10.10
N ILE B 11 12.24 -2.14 -8.78
CA ILE B 11 12.67 -3.43 -8.26
C ILE B 11 11.59 -4.49 -8.46
N MET B 12 10.33 -4.11 -8.25
CA MET B 12 9.23 -5.06 -8.41
C MET B 12 9.09 -5.49 -9.87
N LYS B 13 9.09 -4.53 -10.79
CA LYS B 13 8.85 -4.85 -12.19
C LYS B 13 10.00 -5.66 -12.79
N LYS B 14 11.23 -5.33 -12.41
CA LYS B 14 12.40 -5.92 -13.05
C LYS B 14 12.98 -7.11 -12.30
N ASN B 15 12.79 -7.20 -10.98
CA ASN B 15 13.52 -8.19 -10.18
C ASN B 15 12.64 -8.99 -9.23
N THR B 16 11.35 -9.12 -9.50
CA THR B 16 10.50 -9.99 -8.71
C THR B 16 9.66 -10.89 -9.60
N VAL B 17 9.34 -12.06 -9.07
CA VAL B 17 8.41 -13.01 -9.68
C VAL B 17 7.45 -13.47 -8.59
N ILE B 18 6.35 -14.07 -9.01
CA ILE B 18 5.42 -14.71 -8.09
C ILE B 18 5.82 -16.17 -7.98
N ALA B 19 6.33 -16.55 -6.81
CA ALA B 19 6.72 -17.93 -6.53
C ALA B 19 5.59 -18.64 -5.79
N ARG B 20 5.34 -19.90 -6.14
CA ARG B 20 4.28 -20.69 -5.53
C ARG B 20 4.86 -22.03 -5.14
N THR B 21 4.85 -22.32 -3.84
CA THR B 21 5.24 -23.61 -3.29
C THR B 21 4.00 -24.33 -2.75
N GLU B 22 4.23 -25.48 -2.11
CA GLU B 22 3.12 -26.17 -1.46
C GLU B 22 2.48 -25.33 -0.37
N LYS B 23 3.17 -24.29 0.11
CA LYS B 23 2.65 -23.42 1.14
C LYS B 23 1.86 -22.23 0.58
N GLY B 24 1.92 -21.99 -0.73
CA GLY B 24 1.14 -20.94 -1.33
C GLY B 24 1.97 -19.93 -2.13
N GLU B 25 1.40 -18.75 -2.34
CA GLU B 25 2.03 -17.72 -3.17
C GLU B 25 2.93 -16.83 -2.33
N PHE B 26 4.11 -16.53 -2.88
CA PHE B 26 5.06 -15.66 -2.22
C PHE B 26 5.63 -14.66 -3.22
N THR B 27 5.89 -13.45 -2.76
CA THR B 27 6.74 -12.53 -3.50
C THR B 27 8.17 -13.03 -3.41
N MET B 28 8.85 -13.14 -4.55
CA MET B 28 10.21 -13.66 -4.61
C MET B 28 11.09 -12.65 -5.34
N LEU B 29 12.21 -12.30 -4.71
CA LEU B 29 13.13 -11.29 -5.24
C LEU B 29 14.29 -11.98 -5.95
N GLY B 30 14.46 -11.66 -7.22
CA GLY B 30 15.65 -12.10 -7.94
C GLY B 30 16.80 -11.15 -7.65
N VAL B 31 17.96 -11.71 -7.31
CA VAL B 31 19.11 -10.93 -6.87
C VAL B 31 20.15 -10.79 -7.98
N TYR B 32 20.49 -11.88 -8.64
CA TYR B 32 21.47 -11.86 -9.72
C TYR B 32 21.45 -13.22 -10.40
N ASP B 33 22.01 -13.26 -11.61
CA ASP B 33 22.05 -14.50 -12.40
C ASP B 33 20.71 -15.20 -12.36
N ARG B 34 20.68 -16.42 -11.83
CA ARG B 34 19.44 -17.17 -11.65
C ARG B 34 19.20 -17.46 -10.17
N VAL B 35 19.67 -16.56 -9.30
CA VAL B 35 19.57 -16.71 -7.86
C VAL B 35 18.49 -15.77 -7.34
N ALA B 36 17.61 -16.30 -6.49
CA ALA B 36 16.54 -15.53 -5.87
C ALA B 36 16.43 -15.93 -4.41
N VAL B 37 15.64 -15.16 -3.66
CA VAL B 37 15.44 -15.39 -2.24
C VAL B 37 13.96 -15.52 -1.95
N ILE B 38 13.64 -16.24 -0.88
CA ILE B 38 12.26 -16.50 -0.47
C ILE B 38 12.31 -16.84 1.02
N PRO B 39 11.29 -16.48 1.80
CA PRO B 39 11.29 -16.86 3.22
C PRO B 39 11.39 -18.37 3.39
N THR B 40 12.22 -18.79 4.33
CA THR B 40 12.46 -20.21 4.53
C THR B 40 11.18 -20.97 4.84
N HIS B 41 10.21 -20.33 5.50
CA HIS B 41 8.97 -21.01 5.83
C HIS B 41 8.15 -21.37 4.60
N ALA B 42 8.56 -20.93 3.41
CA ALA B 42 7.90 -21.38 2.19
C ALA B 42 8.09 -22.88 1.97
N SER B 43 9.14 -23.47 2.54
CA SER B 43 9.41 -24.89 2.42
C SER B 43 9.60 -25.28 0.95
N VAL B 44 10.61 -24.67 0.33
CA VAL B 44 10.87 -24.89 -1.08
C VAL B 44 11.20 -26.36 -1.34
N GLY B 45 10.90 -26.80 -2.56
CA GLY B 45 11.11 -28.19 -2.94
C GLY B 45 11.88 -28.36 -4.24
N GLU B 46 11.83 -29.56 -4.83
CA GLU B 46 12.59 -29.83 -6.04
C GLU B 46 12.08 -29.02 -7.23
N THR B 47 10.80 -28.66 -7.22
CA THR B 47 10.22 -27.80 -8.25
C THR B 47 9.47 -26.67 -7.58
N ILE B 48 9.25 -25.60 -8.34
CA ILE B 48 8.56 -24.42 -7.84
C ILE B 48 7.95 -23.71 -9.04
N TYR B 49 6.78 -23.12 -8.83
CA TYR B 49 6.10 -22.38 -9.89
C TYR B 49 6.58 -20.93 -9.86
N ILE B 50 7.04 -20.46 -11.02
CA ILE B 50 7.53 -19.10 -11.18
C ILE B 50 6.64 -18.45 -12.23
N ASN B 51 5.77 -17.53 -11.80
CA ASN B 51 4.79 -16.92 -12.68
C ASN B 51 3.99 -17.98 -13.43
N ASP B 52 3.60 -19.02 -12.70
CA ASP B 52 2.73 -20.09 -13.17
C ASP B 52 3.41 -21.03 -14.16
N VAL B 53 4.74 -21.07 -14.16
CA VAL B 53 5.50 -22.01 -14.98
C VAL B 53 6.33 -22.87 -14.04
N GLU B 54 6.08 -24.18 -14.06
CA GLU B 54 6.86 -25.08 -13.22
C GLU B 54 8.33 -24.98 -13.57
N THR B 55 9.15 -24.72 -12.56
CA THR B 55 10.57 -24.45 -12.75
C THR B 55 11.37 -25.37 -11.85
N LYS B 56 12.43 -25.97 -12.40
CA LYS B 56 13.28 -26.85 -11.63
C LYS B 56 14.15 -26.03 -10.68
N VAL B 57 14.23 -26.47 -9.43
CA VAL B 57 15.07 -25.81 -8.42
C VAL B 57 16.44 -26.48 -8.47
N LEU B 58 17.43 -25.75 -9.01
CA LEU B 58 18.77 -26.31 -9.12
C LEU B 58 19.45 -26.41 -7.76
N ASP B 59 19.16 -25.47 -6.86
CA ASP B 59 19.76 -25.49 -5.53
C ASP B 59 18.91 -24.63 -4.61
N ALA B 60 18.86 -25.04 -3.34
CA ALA B 60 18.16 -24.30 -2.29
C ALA B 60 18.94 -24.43 -1.00
N CYS B 61 19.19 -23.31 -0.34
CA CYS B 61 20.00 -23.28 0.87
C CYS B 61 19.35 -22.36 1.89
N ALA B 62 18.91 -22.93 3.01
CA ALA B 62 18.35 -22.14 4.09
C ALA B 62 19.47 -21.54 4.93
N LEU B 63 19.57 -20.22 4.93
CA LEU B 63 20.73 -19.54 5.49
C LEU B 63 20.73 -19.56 7.01
N ARG B 64 21.93 -19.64 7.58
CA ARG B 64 22.16 -19.50 9.00
C ARG B 64 23.39 -18.64 9.22
N ASP B 65 23.50 -18.03 10.40
CA ASP B 65 24.59 -17.13 10.69
C ASP B 65 25.73 -17.87 11.39
N LEU B 66 26.72 -17.13 11.88
CA LEU B 66 27.87 -17.74 12.53
C LEU B 66 27.46 -18.52 13.77
N THR B 67 26.45 -18.05 14.50
CA THR B 67 25.92 -18.75 15.66
C THR B 67 25.03 -19.92 15.29
N ASP B 68 24.96 -20.27 14.00
CA ASP B 68 24.10 -21.35 13.52
C ASP B 68 22.63 -21.08 13.84
N THR B 69 22.24 -19.80 13.82
CA THR B 69 20.87 -19.40 14.07
C THR B 69 20.19 -19.09 12.74
N ASN B 70 18.91 -19.46 12.65
CA ASN B 70 18.16 -19.26 11.42
C ASN B 70 18.04 -17.78 11.09
N LEU B 71 18.14 -17.47 9.80
CA LEU B 71 17.89 -16.11 9.31
C LEU B 71 16.59 -15.96 8.56
N GLU B 72 15.89 -17.07 8.29
CA GLU B 72 14.59 -17.08 7.63
C GLU B 72 14.66 -16.71 6.15
N ILE B 73 15.86 -16.77 5.56
CA ILE B 73 16.05 -16.51 4.14
C ILE B 73 16.54 -17.80 3.49
N THR B 74 15.95 -18.15 2.35
CA THR B 74 16.36 -19.30 1.56
C THR B 74 16.76 -18.82 0.19
N ILE B 75 18.03 -19.02 -0.16
CA ILE B 75 18.51 -18.71 -1.51
C ILE B 75 18.15 -19.85 -2.43
N VAL B 76 17.66 -19.52 -3.63
CA VAL B 76 17.21 -20.50 -4.60
C VAL B 76 17.85 -20.21 -5.94
N ARG B 77 18.42 -21.23 -6.57
CA ARG B 77 18.93 -21.13 -7.93
C ARG B 77 17.92 -21.79 -8.86
N LEU B 78 17.40 -21.02 -9.81
CA LEU B 78 16.29 -21.46 -10.66
C LEU B 78 16.78 -21.88 -12.03
N ASP B 79 16.15 -22.92 -12.58
CA ASP B 79 16.46 -23.41 -13.92
C ASP B 79 15.51 -22.76 -14.92
N ARG B 80 15.76 -21.48 -15.19
CA ARG B 80 14.94 -20.69 -16.09
C ARG B 80 15.82 -19.96 -17.09
N ASN B 81 15.19 -19.53 -18.18
CA ASN B 81 15.93 -18.90 -19.28
C ASN B 81 16.29 -17.45 -18.95
N GLN B 82 15.38 -16.73 -18.31
CA GLN B 82 15.65 -15.34 -17.97
C GLN B 82 16.68 -15.24 -16.85
N LYS B 83 17.51 -14.20 -16.93
CA LYS B 83 18.52 -13.91 -15.92
C LYS B 83 18.16 -12.62 -15.22
N PHE B 84 18.23 -12.62 -13.89
CA PHE B 84 17.88 -11.43 -13.12
C PHE B 84 18.93 -10.34 -13.32
N ARG B 85 18.46 -9.10 -13.43
CA ARG B 85 19.36 -7.96 -13.38
C ARG B 85 20.09 -7.96 -12.04
N ASP B 86 21.40 -7.76 -12.09
CA ASP B 86 22.20 -7.77 -10.87
C ASP B 86 21.85 -6.55 -10.02
N ILE B 87 21.32 -6.80 -8.83
CA ILE B 87 20.97 -5.74 -7.89
C ILE B 87 21.78 -5.84 -6.60
N ARG B 88 22.86 -6.62 -6.61
CA ARG B 88 23.63 -6.83 -5.39
C ARG B 88 24.25 -5.53 -4.87
N HIS B 89 24.52 -4.58 -5.75
CA HIS B 89 25.08 -3.31 -5.30
C HIS B 89 24.06 -2.44 -4.59
N PHE B 90 22.77 -2.82 -4.62
CA PHE B 90 21.75 -2.16 -3.82
C PHE B 90 21.62 -2.74 -2.43
N LEU B 91 22.34 -3.82 -2.13
CA LEU B 91 22.18 -4.49 -0.83
C LEU B 91 23.05 -3.82 0.22
N PRO B 92 22.53 -3.62 1.44
CA PRO B 92 23.37 -3.11 2.52
C PRO B 92 24.54 -4.03 2.81
N ARG B 93 25.64 -3.45 3.29
CA ARG B 93 26.83 -4.22 3.64
C ARG B 93 26.84 -4.66 5.08
N TYR B 94 26.11 -3.99 5.97
CA TYR B 94 26.12 -4.31 7.39
C TYR B 94 24.74 -4.07 7.97
N GLU B 95 24.54 -4.56 9.19
CA GLU B 95 23.27 -4.37 9.89
C GLU B 95 23.09 -2.91 10.27
N ASP B 96 21.85 -2.42 10.17
CA ASP B 96 21.58 -1.01 10.41
C ASP B 96 20.09 -0.79 10.60
N ASP B 97 19.76 0.43 11.02
CA ASP B 97 18.41 0.95 11.06
C ASP B 97 18.18 1.85 9.86
N TYR B 98 16.91 2.07 9.52
CA TYR B 98 16.57 2.83 8.33
C TYR B 98 15.34 3.69 8.56
N ASN B 99 15.15 4.65 7.67
CA ASN B 99 13.99 5.52 7.67
C ASN B 99 13.37 5.53 6.27
N ASP B 100 12.09 5.87 6.21
CA ASP B 100 11.37 6.05 4.95
C ASP B 100 11.40 4.77 4.11
N ALA B 101 11.11 3.65 4.74
CA ALA B 101 11.11 2.36 4.06
C ALA B 101 9.77 2.08 3.41
N VAL B 102 9.80 1.25 2.37
CA VAL B 102 8.61 0.86 1.62
C VAL B 102 8.56 -0.66 1.55
N LEU B 103 7.39 -1.23 1.85
CA LEU B 103 7.16 -2.66 1.70
C LEU B 103 6.32 -2.87 0.45
N SER B 104 6.84 -3.66 -0.48
CA SER B 104 6.17 -3.92 -1.75
C SER B 104 5.90 -5.42 -1.89
N VAL B 105 4.64 -5.74 -2.18
CA VAL B 105 4.17 -7.11 -2.29
C VAL B 105 3.45 -7.26 -3.62
N HIS B 106 3.55 -8.45 -4.23
CA HIS B 106 2.85 -8.71 -5.48
C HIS B 106 2.48 -10.19 -5.52
N THR B 107 1.22 -10.49 -5.20
CA THR B 107 0.66 -11.82 -5.35
C THR B 107 -0.77 -11.67 -5.83
N SER B 108 -1.39 -12.79 -6.20
CA SER B 108 -2.78 -12.76 -6.61
C SER B 108 -3.66 -12.15 -5.53
N LYS B 109 -3.31 -12.34 -4.25
CA LYS B 109 -4.10 -11.79 -3.16
C LYS B 109 -3.75 -10.33 -2.89
N PHE B 110 -2.47 -9.97 -3.01
CA PHE B 110 -2.00 -8.61 -2.76
C PHE B 110 -1.25 -8.12 -4.00
N PRO B 111 -1.97 -7.75 -5.06
CA PRO B 111 -1.32 -7.30 -6.28
C PRO B 111 -0.92 -5.83 -6.20
N ASN B 112 0.32 -5.54 -6.60
CA ASN B 112 0.82 -4.18 -6.73
C ASN B 112 0.58 -3.38 -5.45
N MET B 113 0.93 -3.99 -4.31
CA MET B 113 0.77 -3.33 -3.02
C MET B 113 2.07 -2.61 -2.66
N TYR B 114 1.97 -1.32 -2.38
CA TYR B 114 3.11 -0.49 -2.00
C TYR B 114 2.76 0.26 -0.73
N ILE B 115 3.48 -0.03 0.35
CA ILE B 115 3.16 0.47 1.68
C ILE B 115 4.36 1.24 2.21
N PRO B 116 4.25 2.55 2.43
CA PRO B 116 5.31 3.26 3.16
C PRO B 116 5.25 2.98 4.65
N VAL B 117 6.13 2.10 5.14
CA VAL B 117 6.10 1.72 6.55
C VAL B 117 6.94 2.65 7.42
N GLY B 118 7.80 3.47 6.83
CA GLY B 118 8.54 4.47 7.59
C GLY B 118 9.76 3.93 8.29
N GLN B 119 9.78 4.04 9.62
CA GLN B 119 10.95 3.67 10.40
C GLN B 119 11.12 2.15 10.44
N VAL B 120 12.36 1.71 10.30
CA VAL B 120 12.72 0.29 10.36
C VAL B 120 13.81 0.13 11.40
N THR B 121 13.58 -0.76 12.36
CA THR B 121 14.48 -0.95 13.50
C THR B 121 15.22 -2.28 13.38
N ASN B 122 16.51 -2.26 13.70
CA ASN B 122 17.32 -3.48 13.75
C ASN B 122 16.99 -4.20 15.05
N TYR B 123 15.94 -5.02 15.01
CA TYR B 123 15.47 -5.70 16.22
C TYR B 123 16.45 -6.80 16.64
N GLY B 124 17.03 -7.51 15.68
CA GLY B 124 17.98 -8.55 15.99
C GLY B 124 17.36 -9.91 16.24
N PHE B 125 17.22 -10.27 17.51
CA PHE B 125 16.69 -11.57 17.87
C PHE B 125 15.17 -11.58 17.80
N LEU B 126 14.62 -12.73 17.41
CA LEU B 126 13.18 -12.90 17.30
C LEU B 126 12.86 -14.38 17.29
N ASN B 127 11.92 -14.79 18.15
CA ASN B 127 11.43 -16.16 18.16
C ASN B 127 10.22 -16.22 17.23
N LEU B 128 10.44 -16.65 16.00
CA LEU B 128 9.44 -16.63 14.95
C LEU B 128 8.77 -18.00 14.91
N GLY B 129 7.59 -18.10 15.51
CA GLY B 129 6.86 -19.37 15.52
C GLY B 129 7.62 -20.50 16.18
N GLY B 130 8.33 -20.20 17.27
CA GLY B 130 9.12 -21.20 17.95
C GLY B 130 10.50 -21.43 17.38
N THR B 131 10.91 -20.66 16.37
CA THR B 131 12.22 -20.81 15.75
C THR B 131 13.08 -19.60 16.06
N PRO B 132 14.14 -19.72 16.86
CA PRO B 132 15.03 -18.57 17.06
C PRO B 132 15.55 -18.03 15.73
N THR B 133 15.54 -16.70 15.61
CA THR B 133 15.95 -16.04 14.38
C THR B 133 16.77 -14.80 14.72
N HIS B 134 17.70 -14.47 13.82
CA HIS B 134 18.59 -13.34 13.96
C HIS B 134 18.43 -12.37 12.80
N ARG B 135 18.98 -11.16 12.98
CA ARG B 135 19.07 -10.16 11.91
C ARG B 135 17.69 -9.76 11.41
N ILE B 136 16.75 -9.56 12.33
CA ILE B 136 15.36 -9.23 11.98
C ILE B 136 15.18 -7.72 12.01
N LEU B 137 14.62 -7.17 10.95
CA LEU B 137 14.17 -5.79 10.91
C LEU B 137 12.70 -5.71 11.32
N MET B 138 12.32 -4.62 11.97
N MET B 138 12.34 -4.62 11.97
CA MET B 138 10.98 -4.47 12.51
CA MET B 138 11.00 -4.44 12.51
C MET B 138 10.42 -3.11 12.09
C MET B 138 10.44 -3.10 12.04
N TYR B 139 9.19 -3.12 11.59
CA TYR B 139 8.48 -1.90 11.22
C TYR B 139 7.04 -1.99 11.73
N ASN B 140 6.43 -0.82 11.93
N ASN B 140 6.43 -0.82 11.91
CA ASN B 140 5.07 -0.75 12.46
CA ASN B 140 5.07 -0.73 12.45
C ASN B 140 4.09 -0.78 11.28
C ASN B 140 4.09 -0.77 11.28
N PHE B 141 3.46 -1.93 11.08
CA PHE B 141 2.53 -2.13 9.98
C PHE B 141 1.63 -3.31 10.28
N PRO B 142 0.29 -3.15 10.20
CA PRO B 142 -0.59 -4.29 10.50
C PRO B 142 -0.51 -5.37 9.43
N THR B 143 0.30 -6.40 9.69
CA THR B 143 0.56 -7.41 8.69
C THR B 143 -0.65 -8.31 8.48
N ARG B 144 -0.65 -9.01 7.36
CA ARG B 144 -1.66 -10.00 7.04
C ARG B 144 -1.01 -11.16 6.31
N ALA B 145 -1.61 -12.34 6.43
CA ALA B 145 -1.07 -13.51 5.78
C ALA B 145 -1.05 -13.33 4.27
N GLY B 146 0.03 -13.78 3.64
CA GLY B 146 0.21 -13.65 2.21
C GLY B 146 1.22 -12.59 1.79
N GLN B 147 1.79 -11.85 2.74
CA GLN B 147 2.77 -10.80 2.43
C GLN B 147 4.20 -11.27 2.63
N ALA B 148 4.41 -12.50 3.12
CA ALA B 148 5.76 -13.02 3.27
C ALA B 148 6.47 -13.00 1.93
N GLY B 149 7.73 -12.55 1.95
CA GLY B 149 8.50 -12.36 0.74
C GLY B 149 8.45 -10.96 0.18
N GLY B 150 7.57 -10.10 0.71
CA GLY B 150 7.53 -8.73 0.24
C GLY B 150 8.89 -8.06 0.41
N VAL B 151 9.22 -7.20 -0.54
CA VAL B 151 10.52 -6.54 -0.57
C VAL B 151 10.45 -5.27 0.25
N VAL B 152 11.44 -5.06 1.12
CA VAL B 152 11.57 -3.84 1.89
C VAL B 152 12.72 -3.04 1.30
N THR B 153 12.42 -1.82 0.84
CA THR B 153 13.42 -0.96 0.24
C THR B 153 13.41 0.40 0.90
N THR B 154 14.53 1.10 0.77
N THR B 154 14.52 1.10 0.77
CA THR B 154 14.67 2.49 1.17
CA THR B 154 14.63 2.50 1.16
C THR B 154 15.15 3.29 -0.04
C THR B 154 15.16 3.29 -0.03
N THR B 155 15.59 4.52 0.20
CA THR B 155 16.12 5.35 -0.88
C THR B 155 17.36 4.70 -1.49
N GLY B 156 17.16 3.84 -2.49
CA GLY B 156 18.25 3.28 -3.24
C GLY B 156 18.83 1.98 -2.73
N LYS B 157 18.20 1.35 -1.73
CA LYS B 157 18.69 0.10 -1.18
C LYS B 157 17.56 -0.91 -1.02
N VAL B 158 17.88 -2.17 -1.25
CA VAL B 158 17.00 -3.30 -0.95
C VAL B 158 17.50 -3.90 0.35
N ILE B 159 16.76 -3.69 1.44
CA ILE B 159 17.30 -3.97 2.77
C ILE B 159 16.80 -5.27 3.39
N GLY B 160 15.70 -5.84 2.91
CA GLY B 160 15.23 -7.08 3.48
C GLY B 160 13.97 -7.56 2.79
N ILE B 161 13.48 -8.72 3.26
CA ILE B 161 12.24 -9.30 2.76
C ILE B 161 11.33 -9.65 3.93
N HIS B 162 10.04 -9.42 3.74
CA HIS B 162 9.05 -9.64 4.80
C HIS B 162 8.95 -11.12 5.12
N VAL B 163 8.99 -11.45 6.42
CA VAL B 163 8.91 -12.83 6.86
C VAL B 163 7.77 -13.10 7.83
N GLY B 164 7.16 -12.08 8.43
CA GLY B 164 6.07 -12.32 9.34
C GLY B 164 5.64 -11.04 10.04
N GLY B 165 4.72 -11.21 10.98
CA GLY B 165 4.20 -10.10 11.74
C GLY B 165 3.34 -10.60 12.89
N ASN B 166 2.90 -9.65 13.72
CA ASN B 166 2.12 -9.98 14.92
C ASN B 166 0.99 -8.97 15.11
N GLY B 167 0.28 -8.68 14.04
CA GLY B 167 -0.90 -7.82 14.13
C GLY B 167 -0.68 -6.34 13.97
N ALA B 168 0.33 -5.79 14.67
CA ALA B 168 0.65 -4.37 14.58
C ALA B 168 2.07 -4.09 14.11
N GLN B 169 2.97 -5.07 14.20
CA GLN B 169 4.34 -4.91 13.75
C GLN B 169 4.65 -5.95 12.67
N GLY B 170 5.50 -5.55 11.73
CA GLY B 170 5.96 -6.43 10.67
C GLY B 170 7.44 -6.70 10.81
N PHE B 171 7.85 -7.91 10.42
CA PHE B 171 9.23 -8.36 10.56
C PHE B 171 9.78 -8.79 9.22
N ALA B 172 11.02 -8.38 8.94
CA ALA B 172 11.72 -8.76 7.71
C ALA B 172 13.10 -9.30 8.06
N ALA B 173 13.59 -10.21 7.21
CA ALA B 173 14.95 -10.71 7.32
C ALA B 173 15.88 -9.82 6.52
N MET B 174 17.02 -9.51 7.11
CA MET B 174 17.98 -8.62 6.46
C MET B 174 18.54 -9.27 5.20
N LEU B 175 18.76 -8.44 4.18
CA LEU B 175 19.54 -8.82 3.00
C LEU B 175 20.89 -8.11 3.10
N LEU B 176 21.97 -8.89 3.05
CA LEU B 176 23.32 -8.36 3.17
C LEU B 176 24.13 -8.75 1.94
N HIS B 177 24.96 -7.80 1.48
CA HIS B 177 25.75 -8.01 0.27
C HIS B 177 26.58 -9.29 0.36
N SER B 178 27.09 -9.61 1.55
CA SER B 178 27.96 -10.77 1.70
C SER B 178 27.22 -12.08 1.42
N TYR B 179 25.89 -12.08 1.47
CA TYR B 179 25.15 -13.31 1.22
C TYR B 179 25.31 -13.79 -0.22
N PHE B 180 25.55 -12.86 -1.15
CA PHE B 180 25.54 -13.16 -2.58
C PHE B 180 26.82 -12.78 -3.29
N SER B 181 27.82 -12.26 -2.58
CA SER B 181 28.96 -11.65 -3.21
C SER B 181 30.05 -12.66 -3.57
N ASP B 182 31.05 -12.18 -4.30
CA ASP B 182 32.27 -12.94 -4.59
C ASP B 182 32.00 -14.34 -5.11
N ALA C 1 -16.82 2.40 13.82
CA ALA C 1 -15.76 3.04 13.05
C ALA C 1 -15.41 4.40 13.63
N LYS C 2 -14.18 4.84 13.37
CA LYS C 2 -13.68 6.13 13.82
C LYS C 2 -13.01 6.84 12.65
N VAL C 3 -13.29 8.15 12.52
CA VAL C 3 -12.69 8.92 11.45
C VAL C 3 -11.18 8.82 11.54
N GLN C 4 -10.54 8.52 10.41
CA GLN C 4 -9.10 8.24 10.40
C GLN C 4 -8.32 9.28 9.61
N GLY C 5 -8.52 10.56 9.93
CA GLY C 5 -7.69 11.61 9.40
C GLY C 5 -6.36 11.65 10.13
N PRO C 6 -5.52 12.65 9.82
CA PRO C 6 -4.22 12.81 10.49
C PRO C 6 -4.34 12.80 12.01
#